data_2Q7L
#
_entry.id   2Q7L
#
_cell.length_a   54.428
_cell.length_b   66.790
_cell.length_c   69.940
_cell.angle_alpha   90.00
_cell.angle_beta   90.00
_cell.angle_gamma   90.00
#
_symmetry.space_group_name_H-M   'P 21 21 21'
#
loop_
_entity.id
_entity.type
_entity.pdbx_description
1 polymer 'Androgen receptor'
2 polymer 'Nuclear receptor coactivator 2'
3 non-polymer TESTOSTERONE
4 non-polymer GLYCEROL
5 water water
#
loop_
_entity_poly.entity_id
_entity_poly.type
_entity_poly.pdbx_seq_one_letter_code
_entity_poly.pdbx_strand_id
1 'polypeptide(L)'
;HIEGYECQPIFLNVLEAIEPGVVCAGHDNNQPDSFAALLSSLNELGERQLVHVVKWAKALPGFRNLHVDDQMAVIQYSWM
GLMVFAMGWRSFTNVNSRMLYFAPDLVFNEYRMHKSRMYSQCVRMRHLSQEFGWLQITPQEFLCMKALLLFSIIPVDGLK
NQKFFDELRMNYIKELDRIIACKRKNPTSCSRRFYQLTKLLDSVQPIARELYQFTFDLLIKSHMVSVDFPEMMAEIISVQ
VPKILSGKVKPIYFHTQ
;
A
2 'polypeptide(L)' KENALLRYLLDKDD B
#
loop_
_chem_comp.id
_chem_comp.type
_chem_comp.name
_chem_comp.formula
GOL non-polymer GLYCEROL 'C3 H8 O3'
TES non-polymer TESTOSTERONE 'C19 H28 O2'
#
# COMPACT_ATOMS: atom_id res chain seq x y z
N PRO A 9 -5.42 16.92 -18.82
CA PRO A 9 -5.92 16.24 -17.62
C PRO A 9 -5.01 16.50 -16.43
N ILE A 10 -5.24 17.63 -15.77
CA ILE A 10 -4.33 18.17 -14.76
C ILE A 10 -4.03 17.14 -13.67
N PHE A 11 -5.06 16.50 -13.16
CA PHE A 11 -4.93 15.58 -12.03
C PHE A 11 -4.09 14.35 -12.38
N LEU A 12 -4.46 13.69 -13.47
CA LEU A 12 -3.74 12.53 -13.98
C LEU A 12 -2.31 12.83 -14.39
N ASN A 13 -2.12 14.01 -14.98
CA ASN A 13 -0.77 14.50 -15.27
C ASN A 13 0.07 14.46 -14.02
N VAL A 14 -0.48 14.95 -12.91
CA VAL A 14 0.27 15.02 -11.67
C VAL A 14 0.59 13.62 -11.15
N LEU A 15 -0.43 12.78 -11.03
CA LEU A 15 -0.23 11.39 -10.56
C LEU A 15 0.84 10.64 -11.36
N GLU A 16 0.80 10.72 -12.70
CA GLU A 16 1.84 10.09 -13.51
CA GLU A 16 1.84 10.13 -13.54
C GLU A 16 3.21 10.73 -13.23
N ALA A 17 3.24 12.06 -13.12
CA ALA A 17 4.50 12.79 -12.88
C ALA A 17 5.19 12.37 -11.58
N ILE A 18 4.40 12.14 -10.53
CA ILE A 18 4.95 11.87 -9.18
C ILE A 18 5.20 10.39 -8.87
N GLU A 19 4.80 9.52 -9.78
CA GLU A 19 4.82 8.08 -9.53
C GLU A 19 6.25 7.57 -9.30
N PRO A 20 6.50 6.94 -8.15
CA PRO A 20 7.84 6.41 -7.88
C PRO A 20 8.36 5.44 -8.94
N GLY A 21 9.68 5.41 -9.09
CA GLY A 21 10.34 4.49 -10.00
C GLY A 21 10.56 3.14 -9.37
N VAL A 22 11.46 2.36 -9.97
CA VAL A 22 11.78 1.01 -9.50
C VAL A 22 12.54 1.04 -8.18
N VAL A 23 12.13 0.19 -7.25
CA VAL A 23 12.80 0.05 -5.96
C VAL A 23 13.27 -1.41 -5.82
N CYS A 24 14.56 -1.61 -5.59
CA CYS A 24 15.12 -2.94 -5.36
C CYS A 24 15.21 -3.23 -3.87
N ALA A 25 15.13 -4.51 -3.53
CA ALA A 25 15.13 -4.94 -2.15
C ALA A 25 16.55 -5.16 -1.61
N GLY A 26 17.50 -5.42 -2.51
CA GLY A 26 18.87 -5.72 -2.10
C GLY A 26 19.08 -7.19 -1.78
N HIS A 27 18.21 -8.06 -2.32
CA HIS A 27 18.19 -9.47 -1.95
C HIS A 27 19.27 -10.26 -2.69
N ASP A 28 19.91 -11.19 -1.98
CA ASP A 28 20.93 -12.06 -2.60
C ASP A 28 20.25 -13.29 -3.21
N ASN A 29 20.04 -13.24 -4.51
CA ASN A 29 19.44 -14.34 -5.24
C ASN A 29 20.41 -15.49 -5.54
N ASN A 30 21.69 -15.27 -5.30
CA ASN A 30 22.70 -16.33 -5.47
C ASN A 30 22.70 -17.34 -4.29
N GLN A 31 22.06 -16.99 -3.18
CA GLN A 31 22.00 -17.88 -2.01
C GLN A 31 20.70 -18.70 -2.03
N PRO A 32 20.73 -19.93 -1.47
CA PRO A 32 19.47 -20.69 -1.30
C PRO A 32 18.45 -19.92 -0.47
N ASP A 33 17.17 -20.06 -0.82
CA ASP A 33 16.09 -19.38 -0.11
C ASP A 33 16.02 -19.89 1.32
N SER A 34 15.86 -18.96 2.26
CA SER A 34 15.55 -19.28 3.64
C SER A 34 14.46 -18.33 4.10
N PHE A 35 13.71 -18.75 5.11
CA PHE A 35 12.69 -17.91 5.72
C PHE A 35 13.30 -16.55 6.15
N ALA A 36 14.43 -16.61 6.85
CA ALA A 36 15.03 -15.42 7.45
C ALA A 36 15.51 -14.45 6.40
N ALA A 37 16.15 -14.96 5.36
CA ALA A 37 16.70 -14.13 4.30
C ALA A 37 15.58 -13.43 3.51
N LEU A 38 14.57 -14.19 3.13
CA LEU A 38 13.43 -13.66 2.39
C LEU A 38 12.70 -12.58 3.18
N LEU A 39 12.44 -12.86 4.46
CA LEU A 39 11.67 -11.90 5.27
C LEU A 39 12.51 -10.67 5.60
N SER A 40 13.80 -10.86 5.86
CA SER A 40 14.69 -9.70 6.06
C SER A 40 14.77 -8.80 4.82
N SER A 41 14.75 -9.40 3.63
CA SER A 41 14.72 -8.65 2.38
C SER A 41 13.38 -7.94 2.20
N LEU A 42 12.28 -8.62 2.49
CA LEU A 42 10.99 -7.97 2.42
C LEU A 42 10.90 -6.75 3.36
N ASN A 43 11.46 -6.88 4.57
CA ASN A 43 11.42 -5.82 5.58
C ASN A 43 12.25 -4.61 5.13
N GLU A 44 13.40 -4.89 4.52
CA GLU A 44 14.24 -3.83 3.97
C GLU A 44 13.52 -3.15 2.79
N LEU A 45 12.88 -3.95 1.93
CA LEU A 45 12.12 -3.38 0.83
C LEU A 45 11.02 -2.47 1.34
N GLY A 46 10.35 -2.90 2.41
CA GLY A 46 9.33 -2.08 3.04
C GLY A 46 9.86 -0.73 3.46
N GLU A 47 11.06 -0.72 4.05
CA GLU A 47 11.69 0.52 4.52
CA GLU A 47 11.69 0.51 4.52
C GLU A 47 12.01 1.41 3.32
N ARG A 48 12.56 0.82 2.27
CA ARG A 48 12.91 1.56 1.06
C ARG A 48 11.68 2.15 0.41
N GLN A 49 10.61 1.36 0.33
CA GLN A 49 9.39 1.84 -0.31
C GLN A 49 8.70 2.90 0.54
N LEU A 50 8.81 2.81 1.86
CA LEU A 50 8.21 3.81 2.74
CA LEU A 50 8.24 3.81 2.77
C LEU A 50 8.79 5.20 2.47
N VAL A 51 10.10 5.25 2.25
CA VAL A 51 10.77 6.49 1.90
C VAL A 51 10.16 7.09 0.64
N HIS A 52 9.93 6.26 -0.39
CA HIS A 52 9.26 6.71 -1.60
C HIS A 52 7.80 7.10 -1.42
N VAL A 53 7.09 6.38 -0.56
CA VAL A 53 5.70 6.73 -0.25
C VAL A 53 5.58 8.12 0.36
N VAL A 54 6.50 8.46 1.27
CA VAL A 54 6.47 9.79 1.91
C VAL A 54 6.68 10.88 0.86
N LYS A 55 7.70 10.75 0.02
CA LYS A 55 8.01 11.73 -1.03
C LYS A 55 6.88 11.87 -2.07
N TRP A 56 6.29 10.74 -2.43
CA TRP A 56 5.09 10.68 -3.26
C TRP A 56 3.90 11.38 -2.63
N ALA A 57 3.51 10.97 -1.42
CA ALA A 57 2.36 11.52 -0.72
C ALA A 57 2.43 13.05 -0.59
N LYS A 58 3.61 13.55 -0.23
CA LYS A 58 3.83 15.00 -0.10
C LYS A 58 3.54 15.79 -1.38
N ALA A 59 3.69 15.12 -2.53
CA ALA A 59 3.43 15.72 -3.83
C ALA A 59 2.01 15.52 -4.37
N LEU A 60 1.15 14.77 -3.67
CA LEU A 60 -0.24 14.54 -4.08
C LEU A 60 -1.07 15.83 -3.93
N PRO A 61 -1.90 16.16 -4.94
CA PRO A 61 -2.76 17.33 -4.77
C PRO A 61 -3.51 17.34 -3.45
N GLY A 62 -3.39 18.46 -2.72
CA GLY A 62 -4.07 18.66 -1.47
C GLY A 62 -3.56 17.98 -0.21
N PHE A 63 -2.55 17.12 -0.30
CA PHE A 63 -2.09 16.34 0.85
C PHE A 63 -1.54 17.18 2.00
N ARG A 64 -0.81 18.24 1.65
CA ARG A 64 -0.15 19.05 2.66
CA ARG A 64 -0.14 19.11 2.61
C ARG A 64 -1.12 20.01 3.36
N ASN A 65 -2.36 20.04 2.89
CA ASN A 65 -3.38 20.80 3.60
C ASN A 65 -3.93 20.04 4.80
N LEU A 66 -3.66 18.73 4.87
CA LEU A 66 -3.99 17.96 6.07
C LEU A 66 -3.14 18.45 7.23
N HIS A 67 -3.66 18.34 8.44
CA HIS A 67 -2.82 18.55 9.63
C HIS A 67 -1.64 17.59 9.55
N VAL A 68 -0.44 18.07 9.88
CA VAL A 68 0.78 17.26 9.82
C VAL A 68 0.68 15.94 10.59
N ASP A 69 -0.04 15.97 11.71
CA ASP A 69 -0.29 14.76 12.50
C ASP A 69 -1.17 13.76 11.75
N ASP A 70 -2.08 14.27 10.92
CA ASP A 70 -2.93 13.41 10.10
C ASP A 70 -2.17 12.89 8.86
N GLN A 71 -1.26 13.70 8.34
CA GLN A 71 -0.34 13.26 7.29
C GLN A 71 0.45 12.08 7.78
N MET A 72 1.00 12.22 8.98
CA MET A 72 1.73 11.13 9.62
C MET A 72 0.85 9.89 9.79
N ALA A 73 -0.37 10.12 10.27
CA ALA A 73 -1.31 9.03 10.56
C ALA A 73 -1.67 8.22 9.32
N VAL A 74 -2.10 8.89 8.25
CA VAL A 74 -2.55 8.18 7.06
C VAL A 74 -1.43 7.35 6.42
N ILE A 75 -0.22 7.90 6.41
CA ILE A 75 0.92 7.17 5.89
C ILE A 75 1.19 5.92 6.73
N GLN A 76 1.13 6.07 8.06
CA GLN A 76 1.46 4.98 8.98
C GLN A 76 0.41 3.88 9.03
N TYR A 77 -0.82 4.19 8.62
CA TYR A 77 -1.88 3.19 8.56
C TYR A 77 -2.08 2.59 7.18
N SER A 78 -1.83 3.40 6.15
CA SER A 78 -2.20 3.02 4.79
C SER A 78 -1.11 2.30 4.01
N TRP A 79 0.13 2.31 4.52
CA TRP A 79 1.28 1.84 3.74
C TRP A 79 1.17 0.39 3.26
N MET A 80 0.71 -0.53 4.11
CA MET A 80 0.60 -1.92 3.69
C MET A 80 -0.32 -2.05 2.48
N GLY A 81 -1.50 -1.45 2.56
CA GLY A 81 -2.48 -1.53 1.46
C GLY A 81 -1.92 -0.91 0.20
N LEU A 82 -1.32 0.28 0.34
CA LEU A 82 -0.69 0.96 -0.79
C LEU A 82 0.35 0.09 -1.48
N MET A 83 1.19 -0.55 -0.67
CA MET A 83 2.33 -1.31 -1.17
C MET A 83 1.90 -2.63 -1.78
N VAL A 84 0.90 -3.27 -1.16
CA VAL A 84 0.33 -4.50 -1.72
C VAL A 84 -0.32 -4.26 -3.07
N PHE A 85 -1.10 -3.20 -3.16
CA PHE A 85 -1.80 -2.83 -4.40
C PHE A 85 -0.80 -2.58 -5.53
N ALA A 86 0.24 -1.80 -5.24
CA ALA A 86 1.29 -1.49 -6.21
C ALA A 86 2.06 -2.75 -6.63
N MET A 87 2.31 -3.65 -5.69
CA MET A 87 3.02 -4.89 -6.01
C MET A 87 2.16 -5.78 -6.89
N GLY A 88 0.87 -5.85 -6.57
CA GLY A 88 -0.11 -6.53 -7.42
C GLY A 88 -0.07 -6.03 -8.85
N TRP A 89 0.01 -4.71 -9.00
CA TRP A 89 0.10 -4.07 -10.33
C TRP A 89 1.39 -4.41 -11.07
N ARG A 90 2.52 -4.24 -10.41
CA ARG A 90 3.81 -4.68 -10.96
C ARG A 90 3.77 -6.13 -11.42
N SER A 91 3.18 -6.98 -10.60
CA SER A 91 3.09 -8.41 -10.90
C SER A 91 2.27 -8.65 -12.17
N PHE A 92 1.18 -7.92 -12.29
CA PHE A 92 0.34 -7.98 -13.47
C PHE A 92 1.07 -7.49 -14.70
N THR A 93 1.65 -6.29 -14.62
CA THR A 93 2.29 -5.69 -15.79
C THR A 93 3.62 -6.36 -16.19
N ASN A 94 4.35 -6.94 -15.23
CA ASN A 94 5.68 -7.48 -15.53
C ASN A 94 5.72 -8.97 -15.81
N VAL A 95 4.86 -9.75 -15.14
CA VAL A 95 4.87 -11.22 -15.29
C VAL A 95 3.48 -11.83 -15.43
N ASN A 96 2.52 -11.03 -15.91
CA ASN A 96 1.09 -11.44 -15.98
C ASN A 96 0.59 -12.21 -14.78
N SER A 97 0.91 -11.70 -13.59
CA SER A 97 0.42 -12.26 -12.34
C SER A 97 0.90 -13.70 -12.05
N ARG A 98 1.88 -14.19 -12.81
CA ARG A 98 2.37 -15.55 -12.64
C ARG A 98 3.19 -15.69 -11.35
N MET A 99 3.88 -14.61 -10.97
CA MET A 99 4.66 -14.56 -9.74
C MET A 99 4.43 -13.20 -9.06
N LEU A 100 4.82 -13.09 -7.79
CA LEU A 100 4.73 -11.81 -7.05
C LEU A 100 6.01 -11.00 -7.20
N TYR A 101 5.90 -9.90 -7.93
CA TYR A 101 7.03 -9.06 -8.30
C TYR A 101 7.22 -7.99 -7.23
N PHE A 102 7.76 -8.42 -6.08
CA PHE A 102 7.98 -7.49 -4.96
C PHE A 102 8.98 -6.41 -5.41
N ALA A 103 10.01 -6.85 -6.10
CA ALA A 103 11.03 -5.97 -6.63
C ALA A 103 11.72 -6.73 -7.75
N PRO A 104 12.48 -6.05 -8.61
CA PRO A 104 13.18 -6.78 -9.69
C PRO A 104 14.08 -7.89 -9.17
N ASP A 105 14.67 -7.68 -7.98
CA ASP A 105 15.55 -8.64 -7.32
C ASP A 105 14.86 -9.46 -6.20
N LEU A 106 13.54 -9.42 -6.15
CA LEU A 106 12.80 -10.19 -5.18
C LEU A 106 11.46 -10.59 -5.77
N VAL A 107 11.51 -11.62 -6.60
CA VAL A 107 10.32 -12.12 -7.30
C VAL A 107 9.97 -13.48 -6.68
N PHE A 108 8.74 -13.60 -6.20
CA PHE A 108 8.28 -14.81 -5.51
C PHE A 108 7.60 -15.76 -6.48
N ASN A 109 8.23 -16.91 -6.67
CA ASN A 109 7.56 -18.09 -7.22
C ASN A 109 6.86 -18.83 -6.08
N GLU A 110 6.12 -19.90 -6.40
CA GLU A 110 5.37 -20.65 -5.37
C GLU A 110 6.26 -21.21 -4.27
N TYR A 111 7.49 -21.58 -4.62
CA TYR A 111 8.44 -22.08 -3.62
C TYR A 111 8.76 -21.03 -2.54
N ARG A 112 9.02 -19.80 -2.99
CA ARG A 112 9.29 -18.69 -2.08
C ARG A 112 8.05 -18.29 -1.28
N MET A 113 6.88 -18.35 -1.91
CA MET A 113 5.62 -18.18 -1.20
C MET A 113 5.50 -19.16 -0.04
N HIS A 114 5.92 -20.41 -0.25
CA HIS A 114 5.92 -21.43 0.81
C HIS A 114 6.99 -21.19 1.85
N LYS A 115 8.20 -20.91 1.37
CA LYS A 115 9.35 -20.69 2.24
C LYS A 115 9.14 -19.49 3.18
N SER A 116 8.44 -18.48 2.66
CA SER A 116 8.15 -17.25 3.42
C SER A 116 7.20 -17.48 4.58
N ARG A 117 6.52 -18.62 4.59
CA ARG A 117 5.48 -18.95 5.56
C ARG A 117 4.29 -18.01 5.48
N MET A 118 4.11 -17.39 4.31
CA MET A 118 2.99 -16.49 4.02
C MET A 118 2.27 -16.96 2.78
N TYR A 119 2.17 -18.27 2.58
CA TYR A 119 1.61 -18.79 1.35
C TYR A 119 0.17 -18.31 1.13
N SER A 120 -0.66 -18.43 2.16
CA SER A 120 -2.07 -18.04 2.03
C SER A 120 -2.21 -16.57 1.67
N GLN A 121 -1.42 -15.71 2.30
CA GLN A 121 -1.40 -14.29 1.98
C GLN A 121 -0.94 -14.05 0.53
N CYS A 122 0.12 -14.76 0.12
CA CYS A 122 0.64 -14.63 -1.23
C CYS A 122 -0.38 -14.99 -2.31
N VAL A 123 -1.11 -16.06 -2.09
CA VAL A 123 -2.15 -16.50 -3.01
C VAL A 123 -3.21 -15.42 -3.15
N ARG A 124 -3.62 -14.82 -2.06
CA ARG A 124 -4.57 -13.69 -2.12
C ARG A 124 -4.01 -12.49 -2.88
N MET A 125 -2.74 -12.18 -2.62
CA MET A 125 -2.10 -11.09 -3.37
C MET A 125 -1.98 -11.44 -4.86
N ARG A 126 -1.75 -12.71 -5.17
CA ARG A 126 -1.69 -13.10 -6.56
C ARG A 126 -3.08 -13.02 -7.21
N HIS A 127 -4.12 -13.39 -6.45
CA HIS A 127 -5.50 -13.21 -6.91
C HIS A 127 -5.76 -11.72 -7.22
N LEU A 128 -5.40 -10.86 -6.27
CA LEU A 128 -5.47 -9.40 -6.51
C LEU A 128 -4.78 -9.01 -7.82
N SER A 129 -3.55 -9.49 -8.01
CA SER A 129 -2.80 -9.20 -9.22
C SER A 129 -3.57 -9.62 -10.49
N GLN A 130 -4.18 -10.81 -10.45
CA GLN A 130 -4.97 -11.32 -11.58
C GLN A 130 -6.19 -10.45 -11.88
N GLU A 131 -6.74 -9.85 -10.83
CA GLU A 131 -7.90 -8.96 -10.97
C GLU A 131 -7.64 -7.77 -11.88
N PHE A 132 -6.40 -7.28 -11.90
CA PHE A 132 -6.01 -6.20 -12.80
C PHE A 132 -6.17 -6.62 -14.27
N GLY A 133 -5.89 -7.91 -14.54
CA GLY A 133 -6.08 -8.47 -15.88
C GLY A 133 -7.54 -8.74 -16.15
N TRP A 134 -8.21 -9.41 -15.22
CA TRP A 134 -9.62 -9.79 -15.39
C TRP A 134 -10.49 -8.56 -15.60
N LEU A 135 -10.22 -7.48 -14.85
CA LEU A 135 -10.93 -6.21 -15.00
C LEU A 135 -10.38 -5.28 -16.09
N GLN A 136 -9.27 -5.63 -16.75
CA GLN A 136 -8.59 -4.71 -17.69
C GLN A 136 -8.37 -3.30 -17.09
N ILE A 137 -7.84 -3.27 -15.87
CA ILE A 137 -7.58 -1.99 -15.20
C ILE A 137 -6.56 -1.20 -16.01
N THR A 138 -6.86 0.07 -16.29
CA THR A 138 -5.93 0.92 -17.02
C THR A 138 -4.85 1.47 -16.09
N PRO A 139 -3.71 1.87 -16.67
CA PRO A 139 -2.68 2.53 -15.86
C PRO A 139 -3.19 3.76 -15.11
N GLN A 140 -4.12 4.50 -15.73
CA GLN A 140 -4.67 5.70 -15.13
C GLN A 140 -5.67 5.39 -13.99
N GLU A 141 -6.47 4.34 -14.15
CA GLU A 141 -7.30 3.82 -13.08
C GLU A 141 -6.43 3.33 -11.91
N PHE A 142 -5.33 2.63 -12.22
CA PHE A 142 -4.43 2.17 -11.18
C PHE A 142 -3.89 3.36 -10.37
N LEU A 143 -3.45 4.41 -11.05
CA LEU A 143 -2.87 5.57 -10.37
C LEU A 143 -3.88 6.24 -9.42
N CYS A 144 -5.11 6.45 -9.87
CA CYS A 144 -6.14 7.08 -9.03
CA CYS A 144 -6.13 7.09 -9.03
C CYS A 144 -6.55 6.19 -7.86
N MET A 145 -6.68 4.90 -8.13
CA MET A 145 -7.01 3.94 -7.07
C MET A 145 -5.93 3.91 -5.98
N LYS A 146 -4.66 3.87 -6.38
CA LYS A 146 -3.56 3.83 -5.43
C LYS A 146 -3.60 5.08 -4.57
N ALA A 147 -3.82 6.23 -5.19
CA ALA A 147 -3.91 7.51 -4.44
C ALA A 147 -5.01 7.43 -3.41
N LEU A 148 -6.17 6.94 -3.84
CA LEU A 148 -7.29 6.76 -2.93
C LEU A 148 -7.00 5.82 -1.74
N LEU A 149 -6.17 4.80 -1.94
CA LEU A 149 -5.78 3.92 -0.82
C LEU A 149 -5.05 4.65 0.33
N LEU A 150 -4.40 5.77 0.04
CA LEU A 150 -3.75 6.54 1.11
C LEU A 150 -4.78 7.14 2.07
N PHE A 151 -5.99 7.34 1.57
CA PHE A 151 -7.07 7.98 2.32
C PHE A 151 -8.17 6.99 2.66
N SER A 152 -7.79 5.72 2.84
CA SER A 152 -8.79 4.67 3.06
C SER A 152 -8.69 3.96 4.40
N ILE A 153 -7.90 4.49 5.32
CA ILE A 153 -7.80 3.86 6.65
C ILE A 153 -7.47 4.92 7.71
N ILE A 154 -8.38 5.08 8.68
CA ILE A 154 -8.25 6.11 9.73
C ILE A 154 -8.71 5.65 11.12
N PRO A 155 -8.28 6.37 12.18
CA PRO A 155 -8.78 6.07 13.54
C PRO A 155 -10.28 6.14 13.61
N VAL A 156 -10.87 5.19 14.32
CA VAL A 156 -12.33 5.16 14.55
C VAL A 156 -12.82 6.45 15.23
N ASP A 157 -12.01 6.98 16.16
CA ASP A 157 -12.28 8.27 16.83
C ASP A 157 -11.88 9.49 15.99
N GLY A 158 -11.68 9.30 14.69
CA GLY A 158 -11.39 10.41 13.77
C GLY A 158 -10.00 11.00 13.89
N LEU A 159 -9.69 11.86 12.92
CA LEU A 159 -8.39 12.51 12.81
C LEU A 159 -8.40 13.86 13.54
N LYS A 160 -7.23 14.53 13.57
CA LYS A 160 -7.10 15.89 14.16
C LYS A 160 -7.97 16.92 13.46
N ASN A 161 -7.91 16.94 12.13
CA ASN A 161 -8.82 17.76 11.33
C ASN A 161 -9.57 16.87 10.34
N GLN A 162 -10.64 16.25 10.81
CA GLN A 162 -11.44 15.33 10.01
C GLN A 162 -12.04 15.99 8.78
N LYS A 163 -12.49 17.24 8.90
CA LYS A 163 -13.14 17.90 7.77
C LYS A 163 -12.22 18.02 6.56
N PHE A 164 -10.95 18.34 6.79
CA PHE A 164 -9.99 18.47 5.70
C PHE A 164 -9.68 17.12 5.07
N PHE A 165 -9.57 16.08 5.89
CA PHE A 165 -9.42 14.73 5.38
C PHE A 165 -10.63 14.32 4.53
N ASP A 166 -11.82 14.60 5.02
CA ASP A 166 -13.06 14.22 4.34
C ASP A 166 -13.17 14.86 2.98
N GLU A 167 -12.81 16.14 2.88
CA GLU A 167 -12.83 16.86 1.59
C GLU A 167 -11.81 16.28 0.60
N LEU A 168 -10.63 15.98 1.11
CA LEU A 168 -9.55 15.40 0.30
C LEU A 168 -9.98 14.07 -0.30
N ARG A 169 -10.44 13.16 0.56
CA ARG A 169 -10.92 11.84 0.13
C ARG A 169 -12.06 11.95 -0.88
N MET A 170 -13.01 12.84 -0.59
CA MET A 170 -14.11 13.12 -1.51
C MET A 170 -13.62 13.51 -2.89
N ASN A 171 -12.60 14.35 -2.94
CA ASN A 171 -12.06 14.80 -4.23
C ASN A 171 -11.32 13.70 -4.99
N TYR A 172 -10.68 12.79 -4.27
CA TYR A 172 -10.02 11.65 -4.92
C TYR A 172 -11.05 10.62 -5.45
N ILE A 173 -12.17 10.48 -4.76
CA ILE A 173 -13.28 9.68 -5.25
C ILE A 173 -13.85 10.30 -6.54
N LYS A 174 -14.02 11.61 -6.54
CA LYS A 174 -14.49 12.33 -7.73
C LYS A 174 -13.60 12.12 -8.94
N GLU A 175 -12.28 12.18 -8.74
CA GLU A 175 -11.34 11.99 -9.86
C GLU A 175 -11.39 10.59 -10.43
N LEU A 176 -11.67 9.59 -9.59
CA LEU A 176 -11.78 8.21 -10.06
C LEU A 176 -13.04 8.05 -10.88
N ASP A 177 -14.13 8.62 -10.36
CA ASP A 177 -15.40 8.67 -11.08
C ASP A 177 -15.22 9.31 -12.45
N ARG A 178 -14.47 10.41 -12.52
CA ARG A 178 -14.30 11.13 -13.80
C ARG A 178 -13.47 10.33 -14.80
N ILE A 179 -12.48 9.59 -14.31
CA ILE A 179 -11.66 8.73 -15.16
C ILE A 179 -12.48 7.59 -15.75
N ILE A 180 -13.41 7.07 -14.97
CA ILE A 180 -14.37 6.09 -15.48
C ILE A 180 -15.27 6.73 -16.55
N ALA A 181 -15.72 7.96 -16.30
CA ALA A 181 -16.69 8.65 -17.18
C ALA A 181 -16.01 9.64 -18.12
N ARG A 184 -17.21 6.76 -21.67
CA ARG A 184 -18.35 5.88 -21.45
C ARG A 184 -19.68 6.65 -21.51
N LYS A 185 -20.34 6.61 -22.66
CA LYS A 185 -21.63 7.30 -22.85
C LYS A 185 -22.69 6.71 -21.92
N ASN A 186 -22.79 5.39 -21.94
CA ASN A 186 -23.75 4.64 -21.14
C ASN A 186 -23.47 4.73 -19.63
N PRO A 187 -24.42 5.29 -18.85
CA PRO A 187 -24.22 5.34 -17.39
C PRO A 187 -24.16 3.97 -16.71
N THR A 188 -24.81 2.97 -17.29
CA THR A 188 -24.84 1.62 -16.71
C THR A 188 -23.46 0.96 -16.74
N SER A 189 -22.66 1.27 -17.76
CA SER A 189 -21.28 0.80 -17.82
C SER A 189 -20.39 1.53 -16.79
N CYS A 190 -20.61 2.84 -16.63
CA CYS A 190 -19.90 3.62 -15.61
C CYS A 190 -20.21 3.12 -14.20
N SER A 191 -21.47 2.77 -13.97
CA SER A 191 -21.92 2.30 -12.67
C SER A 191 -21.35 0.93 -12.34
N ARG A 192 -21.39 0.03 -13.31
CA ARG A 192 -20.79 -1.29 -13.14
C ARG A 192 -19.28 -1.15 -12.89
N ARG A 193 -18.64 -0.23 -13.62
CA ARG A 193 -17.20 -0.04 -13.50
C ARG A 193 -16.84 0.48 -12.10
N PHE A 194 -17.53 1.50 -11.64
CA PHE A 194 -17.29 2.05 -10.31
C PHE A 194 -17.51 0.98 -9.23
N TYR A 195 -18.53 0.16 -9.41
CA TYR A 195 -18.81 -0.93 -8.49
C TYR A 195 -17.63 -1.91 -8.45
N GLN A 196 -17.17 -2.32 -9.62
CA GLN A 196 -16.06 -3.26 -9.72
C GLN A 196 -14.81 -2.72 -9.04
N LEU A 197 -14.47 -1.47 -9.35
CA LEU A 197 -13.24 -0.87 -8.82
C LEU A 197 -13.29 -0.63 -7.31
N THR A 198 -14.44 -0.23 -6.79
CA THR A 198 -14.60 -0.05 -5.34
C THR A 198 -14.54 -1.38 -4.61
N LYS A 199 -15.13 -2.42 -5.20
CA LYS A 199 -14.98 -3.77 -4.68
C LYS A 199 -13.51 -4.19 -4.62
N LEU A 200 -12.76 -3.88 -5.68
CA LEU A 200 -11.34 -4.27 -5.76
C LEU A 200 -10.56 -3.54 -4.68
N LEU A 201 -10.76 -2.23 -4.59
CA LEU A 201 -10.20 -1.42 -3.50
C LEU A 201 -10.47 -1.97 -2.12
N ASP A 202 -11.73 -2.31 -1.85
CA ASP A 202 -12.12 -2.93 -0.58
C ASP A 202 -11.35 -4.23 -0.32
N SER A 203 -11.08 -5.01 -1.37
CA SER A 203 -10.41 -6.32 -1.18
C SER A 203 -8.96 -6.20 -0.71
N VAL A 204 -8.38 -5.03 -0.90
CA VAL A 204 -7.03 -4.77 -0.43
C VAL A 204 -6.90 -4.83 1.10
N GLN A 205 -7.92 -4.36 1.81
CA GLN A 205 -7.82 -4.16 3.25
C GLN A 205 -7.74 -5.44 4.08
N PRO A 206 -8.60 -6.45 3.81
CA PRO A 206 -8.45 -7.72 4.52
C PRO A 206 -7.09 -8.38 4.30
N ILE A 207 -6.55 -8.24 3.09
CA ILE A 207 -5.19 -8.73 2.79
C ILE A 207 -4.16 -7.98 3.64
N ALA A 208 -4.25 -6.66 3.64
CA ALA A 208 -3.33 -5.86 4.44
C ALA A 208 -3.44 -6.22 5.92
N ARG A 209 -4.66 -6.49 6.39
CA ARG A 209 -4.82 -6.84 7.81
C ARG A 209 -4.10 -8.14 8.16
N GLU A 210 -4.23 -9.15 7.31
CA GLU A 210 -3.54 -10.42 7.53
C GLU A 210 -2.03 -10.23 7.51
N LEU A 211 -1.54 -9.41 6.60
CA LEU A 211 -0.11 -9.09 6.56
C LEU A 211 0.32 -8.29 7.80
N TYR A 212 -0.53 -7.38 8.25
CA TYR A 212 -0.28 -6.66 9.49
C TYR A 212 -0.17 -7.65 10.67
N GLN A 213 -1.08 -8.62 10.75
CA GLN A 213 -1.02 -9.62 11.81
C GLN A 213 0.31 -10.39 11.74
N PHE A 214 0.65 -10.84 10.55
CA PHE A 214 1.87 -11.62 10.34
C PHE A 214 3.15 -10.89 10.74
N THR A 215 3.26 -9.63 10.30
CA THR A 215 4.48 -8.88 10.58
C THR A 215 4.56 -8.49 12.05
N PHE A 216 3.42 -8.19 12.65
CA PHE A 216 3.38 -7.93 14.10
C PHE A 216 3.87 -9.16 14.88
N ASP A 217 3.28 -10.31 14.63
CA ASP A 217 3.72 -11.56 15.27
C ASP A 217 5.19 -11.83 15.04
N LEU A 218 5.65 -11.64 13.80
CA LEU A 218 7.06 -11.80 13.45
C LEU A 218 7.94 -10.79 14.18
N LEU A 219 7.48 -9.56 14.32
CA LEU A 219 8.25 -8.57 15.08
C LEU A 219 8.44 -9.06 16.53
N ILE A 220 7.35 -9.48 17.16
CA ILE A 220 7.37 -9.95 18.55
C ILE A 220 8.35 -11.11 18.76
N LYS A 221 8.51 -11.97 17.76
CA LYS A 221 9.44 -13.10 17.86
C LYS A 221 10.70 -12.99 16.98
N SER A 222 10.97 -11.81 16.42
CA SER A 222 12.00 -11.68 15.39
C SER A 222 13.42 -12.07 15.85
N HIS A 223 13.73 -11.78 17.11
CA HIS A 223 15.02 -12.18 17.73
C HIS A 223 15.23 -13.70 17.74
N MET A 224 14.13 -14.46 17.81
CA MET A 224 14.18 -15.92 17.81
C MET A 224 14.44 -16.51 16.42
N VAL A 225 13.94 -15.84 15.38
CA VAL A 225 13.98 -16.40 14.02
C VAL A 225 14.99 -15.70 13.10
N SER A 226 15.80 -14.82 13.67
CA SER A 226 16.85 -14.10 12.94
C SER A 226 16.35 -13.22 11.77
N VAL A 227 15.18 -12.60 11.97
CA VAL A 227 14.64 -11.67 10.99
C VAL A 227 14.95 -10.24 11.43
N ASP A 228 15.61 -9.48 10.56
CA ASP A 228 15.91 -8.09 10.84
C ASP A 228 14.79 -7.15 10.37
N PHE A 229 14.39 -6.25 11.28
CA PHE A 229 13.46 -5.18 10.97
C PHE A 229 14.21 -3.86 11.05
N PRO A 230 14.20 -3.08 9.95
CA PRO A 230 14.81 -1.74 10.04
C PRO A 230 14.08 -0.77 10.96
N GLU A 231 14.73 0.37 11.20
CA GLU A 231 14.29 1.41 12.15
C GLU A 231 12.81 1.79 12.11
N MET A 232 12.38 2.44 11.03
CA MET A 232 11.00 2.94 10.96
C MET A 232 9.98 1.83 10.98
N MET A 233 10.31 0.72 10.33
CA MET A 233 9.39 -0.39 10.22
CA MET A 233 9.40 -0.42 10.22
C MET A 233 9.13 -1.00 11.59
N ALA A 234 10.18 -1.18 12.37
CA ALA A 234 10.04 -1.75 13.70
C ALA A 234 9.20 -0.85 14.62
N GLU A 235 9.36 0.47 14.48
CA GLU A 235 8.58 1.40 15.31
C GLU A 235 7.13 1.46 14.86
N ILE A 236 6.90 1.59 13.55
CA ILE A 236 5.54 1.59 13.03
C ILE A 236 4.79 0.33 13.45
N ILE A 237 5.46 -0.81 13.34
CA ILE A 237 4.81 -2.10 13.57
C ILE A 237 4.48 -2.33 15.08
N SER A 238 5.22 -1.68 15.98
CA SER A 238 4.99 -1.82 17.44
C SER A 238 4.06 -0.73 18.01
N VAL A 239 3.99 0.42 17.34
CA VAL A 239 3.18 1.52 17.85
C VAL A 239 1.89 1.70 17.05
N GLN A 240 1.99 1.68 15.73
CA GLN A 240 0.83 2.02 14.92
C GLN A 240 0.01 0.80 14.51
N VAL A 241 0.69 -0.24 14.06
CA VAL A 241 -0.01 -1.45 13.58
C VAL A 241 -0.95 -2.09 14.63
N PRO A 242 -0.55 -2.13 15.92
CA PRO A 242 -1.48 -2.71 16.93
C PRO A 242 -2.82 -1.95 17.03
N LYS A 243 -2.82 -0.66 16.75
CA LYS A 243 -4.05 0.12 16.73
C LYS A 243 -5.00 -0.38 15.64
N ILE A 244 -4.43 -0.84 14.52
CA ILE A 244 -5.23 -1.49 13.49
C ILE A 244 -5.73 -2.83 14.02
N LEU A 245 -4.81 -3.62 14.57
CA LEU A 245 -5.14 -4.96 15.04
C LEU A 245 -6.12 -4.97 16.21
N SER A 246 -6.14 -3.90 17.02
CA SER A 246 -7.06 -3.80 18.15
C SER A 246 -8.39 -3.11 17.79
N GLY A 247 -8.55 -2.71 16.53
CA GLY A 247 -9.77 -2.03 16.09
C GLY A 247 -9.87 -0.55 16.38
N LYS A 248 -8.82 0.08 16.89
CA LYS A 248 -8.81 1.53 17.08
C LYS A 248 -8.72 2.30 15.76
N VAL A 249 -8.10 1.65 14.77
CA VAL A 249 -7.98 2.17 13.41
C VAL A 249 -8.59 1.13 12.47
N LYS A 250 -9.45 1.60 11.58
CA LYS A 250 -10.19 0.73 10.70
C LYS A 250 -10.25 1.25 9.27
N PRO A 251 -10.28 0.34 8.28
CA PRO A 251 -10.48 0.76 6.89
C PRO A 251 -11.83 1.47 6.66
N ILE A 252 -11.85 2.35 5.67
CA ILE A 252 -13.08 2.93 5.16
C ILE A 252 -13.45 2.06 3.98
N TYR A 253 -14.50 1.28 4.15
CA TYR A 253 -14.94 0.41 3.08
C TYR A 253 -16.02 1.11 2.28
N PHE A 254 -16.03 0.86 0.98
CA PHE A 254 -17.13 1.29 0.14
C PHE A 254 -18.38 0.46 0.42
N HIS A 255 -18.20 -0.86 0.44
CA HIS A 255 -19.30 -1.80 0.58
C HIS A 255 -19.17 -2.47 1.94
N THR A 256 -20.24 -3.04 2.45
CA THR A 256 -20.21 -3.56 3.81
C THR A 256 -19.62 -4.98 3.85
N GLN A 257 -18.82 -5.23 4.89
CA GLN A 257 -18.09 -6.50 5.02
C GLN A 257 -18.71 -7.33 6.15
N GLU B 2 4.93 9.83 18.67
CA GLU B 2 5.66 10.50 17.54
C GLU B 2 6.84 9.71 16.95
N ASN B 3 6.69 9.27 15.69
CA ASN B 3 7.77 8.62 14.95
C ASN B 3 8.78 9.65 14.40
N ALA B 4 9.83 9.90 15.18
CA ALA B 4 10.82 10.92 14.83
C ALA B 4 11.42 10.74 13.44
N LEU B 5 11.79 9.52 13.06
CA LEU B 5 12.42 9.30 11.75
C LEU B 5 11.46 9.57 10.58
N LEU B 6 10.21 9.12 10.72
CA LEU B 6 9.20 9.36 9.71
C LEU B 6 8.86 10.85 9.59
N ARG B 7 8.71 11.52 10.73
CA ARG B 7 8.41 12.95 10.73
C ARG B 7 9.52 13.72 10.04
N TYR B 8 10.77 13.32 10.27
CA TYR B 8 11.91 13.92 9.58
C TYR B 8 11.77 13.84 8.05
N LEU B 9 11.41 12.66 7.56
CA LEU B 9 11.18 12.46 6.13
C LEU B 9 10.05 13.35 5.62
N LEU B 10 9.00 13.50 6.42
CA LEU B 10 7.85 14.30 6.04
C LEU B 10 8.22 15.80 5.99
N ASP B 11 8.97 16.23 7.01
CA ASP B 11 9.46 17.61 7.12
C ASP B 11 10.55 18.00 6.12
N LYS B 12 11.29 17.00 5.63
CA LYS B 12 12.48 17.22 4.80
C LYS B 12 12.11 17.54 3.36
N ASP B 13 12.65 18.62 2.81
CA ASP B 13 12.32 19.02 1.43
C ASP B 13 12.98 18.16 0.35
N ASP B 14 14.31 18.04 0.37
CA ASP B 14 15.04 17.16 -0.54
C ASP B 14 14.46 17.13 -1.98
C1 TES C . 7.12 -4.67 0.97
C2 TES C . 6.83 -3.85 -0.27
C3 TES C . 5.96 -4.66 -1.18
O3 TES C . 6.08 -4.58 -2.39
C4 TES C . 4.96 -5.60 -0.59
C5 TES C . 4.90 -5.81 0.73
C6 TES C . 3.81 -6.72 1.28
C7 TES C . 4.43 -7.74 2.22
C8 TES C . 5.16 -7.00 3.35
C9 TES C . 6.31 -6.15 2.78
C10 TES C . 5.86 -5.13 1.71
C11 TES C . 7.16 -5.51 3.91
C12 TES C . 7.64 -6.51 4.97
C13 TES C . 6.49 -7.34 5.51
C14 TES C . 5.73 -7.99 4.35
C15 TES C . 4.80 -8.97 5.06
C16 TES C . 5.67 -9.51 6.21
C17 TES C . 6.90 -8.60 6.27
O17 TES C . 7.35 -8.37 7.63
C18 TES C . 5.62 -6.44 6.36
C19 TES C . 5.07 -3.94 2.29
C1 GOL D . 4.81 2.19 -4.96
O1 GOL D . 4.24 3.42 -4.56
C2 GOL D . 5.85 1.71 -3.96
O2 GOL D . 5.25 1.50 -2.69
C3 GOL D . 6.98 2.74 -3.86
O3 GOL D . 8.26 2.11 -3.88
#